data_5JVM
#
_entry.id   5JVM
#
_cell.length_a   72.074
_cell.length_b   71.979
_cell.length_c   43.142
_cell.angle_alpha   90.00
_cell.angle_beta   90.00
_cell.angle_gamma   90.00
#
_symmetry.space_group_name_H-M   'P 21 21 21'
#
loop_
_entity.id
_entity.type
_entity.pdbx_description
1 polymer 'Chimera protein of Kinesin-like protein KIF3C and Microtubule-associated protein RP/EB family member 1'
2 non-polymer 'MAGNESIUM ION'
3 water water
#
_entity_poly.entity_id   1
_entity_poly.type   'polypeptide(L)'
_entity_poly.pdbx_seq_one_letter_code
;LSNEDPKDTLLREFQEEIARLKAQLEKKGMLVEDLEKERDFYFGKLRNIELICQENEGENDPVLQRIVDILYATDEGFVI
PD
;
_entity_poly.pdbx_strand_id   A,B
#
# COMPACT_ATOMS: atom_id res chain seq x y z
N LEU A 1 -46.46 6.71 -9.27
CA LEU A 1 -45.93 5.97 -8.12
C LEU A 1 -46.52 4.57 -8.03
N SER A 2 -45.80 3.69 -7.36
CA SER A 2 -46.19 2.28 -7.34
C SER A 2 -47.16 2.01 -6.20
N ASN A 3 -47.83 0.87 -6.29
CA ASN A 3 -48.67 0.33 -5.24
C ASN A 3 -47.91 -0.56 -4.27
N GLU A 4 -46.58 -0.57 -4.36
CA GLU A 4 -45.77 -1.43 -3.52
C GLU A 4 -45.81 -0.95 -2.07
N ASP A 5 -45.86 -1.90 -1.14
CA ASP A 5 -45.70 -1.58 0.26
C ASP A 5 -44.36 -0.88 0.44
N PRO A 6 -44.32 0.31 1.04
CA PRO A 6 -43.03 0.99 1.24
C PRO A 6 -42.00 0.13 1.97
N LYS A 7 -42.44 -0.76 2.85
CA LYS A 7 -41.48 -1.66 3.51
C LYS A 7 -40.86 -2.61 2.49
N ASP A 8 -41.64 -3.09 1.52
CA ASP A 8 -41.07 -3.94 0.48
C ASP A 8 -40.09 -3.16 -0.38
N THR A 9 -40.40 -1.89 -0.67
CA THR A 9 -39.47 -1.03 -1.40
C THR A 9 -38.14 -0.93 -0.67
N LEU A 10 -38.20 -0.62 0.63
CA LEU A 10 -36.97 -0.43 1.40
C LEU A 10 -36.21 -1.75 1.58
N LEU A 11 -36.93 -2.87 1.73
CA LEU A 11 -36.24 -4.14 1.85
C LEU A 11 -35.41 -4.42 0.60
N ARG A 12 -35.93 -4.05 -0.57
CA ARG A 12 -35.18 -4.24 -1.80
C ARG A 12 -34.03 -3.25 -1.88
N GLU A 13 -34.31 -1.96 -1.61
CA GLU A 13 -33.27 -0.94 -1.75
C GLU A 13 -32.15 -1.13 -0.73
N PHE A 14 -32.48 -1.50 0.49
CA PHE A 14 -31.41 -1.75 1.48
C PHE A 14 -30.52 -2.91 1.05
N GLN A 15 -31.11 -3.98 0.49
CA GLN A 15 -30.26 -5.07 0.03
C GLN A 15 -29.44 -4.66 -1.18
N GLU A 16 -29.96 -3.80 -2.06
CA GLU A 16 -29.13 -3.29 -3.14
C GLU A 16 -27.97 -2.46 -2.61
N GLU A 17 -28.22 -1.65 -1.57
CA GLU A 17 -27.15 -0.88 -0.97
C GLU A 17 -26.10 -1.78 -0.31
N ILE A 18 -26.53 -2.83 0.39
CA ILE A 18 -25.59 -3.78 0.97
C ILE A 18 -24.72 -4.40 -0.12
N ALA A 19 -25.32 -4.79 -1.24
CA ALA A 19 -24.52 -5.38 -2.32
C ALA A 19 -23.51 -4.38 -2.88
N ARG A 20 -23.90 -3.11 -3.02
CA ARG A 20 -22.96 -2.11 -3.51
C ARG A 20 -21.82 -1.91 -2.52
N LEU A 21 -22.14 -1.82 -1.22
CA LEU A 21 -21.10 -1.65 -0.22
C LEU A 21 -20.17 -2.86 -0.17
N LYS A 22 -20.71 -4.08 -0.28
CA LYS A 22 -19.84 -5.25 -0.30
C LYS A 22 -18.88 -5.20 -1.49
N ALA A 23 -19.36 -4.73 -2.64
CA ALA A 23 -18.48 -4.57 -3.80
C ALA A 23 -17.41 -3.53 -3.54
N GLN A 24 -17.78 -2.39 -2.91
CA GLN A 24 -16.78 -1.38 -2.59
CA GLN A 24 -16.79 -1.38 -2.59
C GLN A 24 -15.73 -1.93 -1.64
N LEU A 25 -16.16 -2.76 -0.67
CA LEU A 25 -15.24 -3.37 0.26
C LEU A 25 -14.30 -4.35 -0.43
N GLU A 26 -14.82 -5.15 -1.37
CA GLU A 26 -13.95 -6.01 -2.16
C GLU A 26 -12.91 -5.20 -2.91
N LYS A 27 -13.35 -4.08 -3.51
CA LYS A 27 -12.41 -3.24 -4.27
C LYS A 27 -11.35 -2.66 -3.36
N LYS A 28 -11.73 -2.19 -2.17
CA LYS A 28 -10.73 -1.65 -1.26
C LYS A 28 -9.78 -2.74 -0.80
N GLY A 29 -10.27 -3.99 -0.64
CA GLY A 29 -9.38 -5.10 -0.34
C GLY A 29 -8.40 -5.39 -1.44
N MET A 30 -8.83 -5.26 -2.70
CA MET A 30 -7.92 -5.41 -3.82
C MET A 30 -6.85 -4.31 -3.80
N LEU A 31 -7.25 -3.08 -3.46
CA LEU A 31 -6.29 -2.00 -3.37
C LEU A 31 -5.26 -2.25 -2.27
N VAL A 32 -5.71 -2.74 -1.12
CA VAL A 32 -4.80 -3.11 -0.04
C VAL A 32 -3.77 -4.13 -0.55
N GLU A 33 -4.24 -5.17 -1.24
CA GLU A 33 -3.33 -6.21 -1.72
C GLU A 33 -2.37 -5.66 -2.77
N ASP A 34 -2.85 -4.77 -3.65
CA ASP A 34 -1.96 -4.14 -4.63
C ASP A 34 -0.87 -3.34 -3.94
N LEU A 35 -1.24 -2.57 -2.92
CA LEU A 35 -0.28 -1.74 -2.21
C LEU A 35 0.72 -2.58 -1.43
N GLU A 36 0.25 -3.67 -0.80
CA GLU A 36 1.18 -4.59 -0.14
C GLU A 36 2.21 -5.15 -1.11
N LYS A 37 1.75 -5.54 -2.31
CA LYS A 37 2.68 -6.05 -3.31
C LYS A 37 3.67 -4.99 -3.76
N GLU A 38 3.21 -3.75 -3.96
CA GLU A 38 4.13 -2.69 -4.38
C GLU A 38 5.13 -2.39 -3.27
N ARG A 39 4.63 -2.25 -2.03
CA ARG A 39 5.51 -2.01 -0.90
C ARG A 39 6.55 -3.11 -0.75
N ASP A 40 6.13 -4.38 -0.87
CA ASP A 40 7.08 -5.50 -0.77
C ASP A 40 8.10 -5.48 -1.91
N PHE A 41 7.66 -5.07 -3.09
CA PHE A 41 8.56 -4.95 -4.24
C PHE A 41 9.67 -3.94 -3.97
N TYR A 42 9.31 -2.75 -3.47
CA TYR A 42 10.32 -1.74 -3.18
C TYR A 42 11.18 -2.15 -2.00
N PHE A 43 10.57 -2.74 -0.95
CA PHE A 43 11.37 -3.19 0.19
C PHE A 43 12.38 -4.24 -0.24
N GLY A 44 11.99 -5.13 -1.17
CA GLY A 44 12.91 -6.15 -1.63
C GLY A 44 14.10 -5.56 -2.37
N LYS A 45 13.86 -4.52 -3.18
CA LYS A 45 14.98 -3.82 -3.80
C LYS A 45 15.90 -3.21 -2.76
N LEU A 46 15.32 -2.56 -1.74
CA LEU A 46 16.15 -1.97 -0.70
C LEU A 46 16.94 -3.02 0.05
N ARG A 47 16.33 -4.19 0.31
CA ARG A 47 17.06 -5.26 0.97
C ARG A 47 18.20 -5.75 0.09
N ASN A 48 17.96 -5.90 -1.21
CA ASN A 48 19.03 -6.34 -2.11
C ASN A 48 20.17 -5.33 -2.13
N ILE A 49 19.85 -4.03 -2.12
CA ILE A 49 20.87 -2.99 -2.10
C ILE A 49 21.68 -3.06 -0.80
N GLU A 50 20.99 -3.29 0.32
CA GLU A 50 21.69 -3.39 1.60
C GLU A 50 22.69 -4.55 1.59
N LEU A 51 22.33 -5.65 0.91
CA LEU A 51 23.25 -6.78 0.82
C LEU A 51 24.51 -6.44 0.07
N ILE A 52 24.41 -5.58 -0.96
CA ILE A 52 25.61 -5.13 -1.67
C ILE A 52 26.46 -4.26 -0.75
N CYS A 53 25.82 -3.38 0.02
CA CYS A 53 26.56 -2.60 1.00
C CYS A 53 27.23 -3.51 2.04
N GLN A 54 26.52 -4.54 2.49
CA GLN A 54 27.11 -5.50 3.43
C GLN A 54 28.34 -6.17 2.82
N GLU A 55 28.24 -6.58 1.56
CA GLU A 55 29.35 -7.23 0.90
C GLU A 55 30.60 -6.36 0.90
N ASN A 56 30.41 -5.04 0.80
CA ASN A 56 31.49 -4.09 0.76
C ASN A 56 31.87 -3.54 2.13
N GLU A 57 31.35 -4.12 3.21
CA GLU A 57 31.75 -3.71 4.53
C GLU A 57 33.25 -3.93 4.72
N GLY A 58 33.94 -2.92 5.24
CA GLY A 58 35.38 -2.95 5.37
C GLY A 58 36.11 -2.14 4.32
N GLU A 59 35.41 -1.68 3.29
CA GLU A 59 36.01 -0.83 2.27
C GLU A 59 35.96 0.65 2.62
N ASN A 60 35.14 1.04 3.60
CA ASN A 60 34.95 2.44 4.01
C ASN A 60 34.47 3.32 2.84
N ASP A 61 33.80 2.73 1.88
CA ASP A 61 33.30 3.44 0.72
C ASP A 61 32.33 4.54 1.13
N PRO A 62 32.64 5.81 0.89
CA PRO A 62 31.76 6.90 1.37
C PRO A 62 30.47 7.01 0.60
N VAL A 63 30.44 6.58 -0.66
CA VAL A 63 29.18 6.58 -1.39
C VAL A 63 28.26 5.49 -0.85
N LEU A 64 28.81 4.30 -0.59
CA LEU A 64 28.00 3.27 0.05
C LEU A 64 27.53 3.71 1.42
N GLN A 65 28.36 4.47 2.16
CA GLN A 65 27.93 4.97 3.46
C GLN A 65 26.71 5.88 3.31
N ARG A 66 26.70 6.75 2.28
CA ARG A 66 25.54 7.60 2.04
C ARG A 66 24.31 6.78 1.66
N ILE A 67 24.50 5.67 0.96
CA ILE A 67 23.39 4.79 0.63
C ILE A 67 22.86 4.13 1.89
N VAL A 68 23.75 3.67 2.77
CA VAL A 68 23.30 3.07 4.03
C VAL A 68 22.54 4.09 4.88
N ASP A 69 23.00 5.35 4.85
CA ASP A 69 22.30 6.41 5.56
C ASP A 69 20.87 6.56 5.07
N ILE A 70 20.64 6.44 3.75
CA ILE A 70 19.27 6.44 3.25
C ILE A 70 18.52 5.20 3.72
N LEU A 71 19.15 4.02 3.59
CA LEU A 71 18.47 2.77 3.96
C LEU A 71 17.94 2.83 5.40
N TYR A 72 18.70 3.42 6.32
CA TYR A 72 18.32 3.43 7.72
C TYR A 72 17.70 4.75 8.17
N ALA A 73 17.45 5.67 7.24
CA ALA A 73 16.81 6.93 7.57
C ALA A 73 15.41 6.69 8.12
N THR A 74 15.00 7.54 9.06
CA THR A 74 13.65 7.50 9.58
C THR A 74 12.71 8.54 8.98
N ASP A 75 13.25 9.62 8.40
CA ASP A 75 12.42 10.69 7.89
C ASP A 75 12.08 10.49 6.42
N GLU A 76 10.91 10.99 6.03
CA GLU A 76 10.49 11.01 4.65
C GLU A 76 11.14 12.20 3.94
N GLY A 77 11.13 12.15 2.61
CA GLY A 77 11.48 13.31 1.82
C GLY A 77 12.74 13.10 1.00
N PHE A 78 12.92 13.99 0.03
CA PHE A 78 14.11 13.95 -0.81
C PHE A 78 15.35 14.35 -0.01
N VAL A 79 16.47 13.71 -0.33
CA VAL A 79 17.78 14.06 0.22
C VAL A 79 18.65 14.46 -0.96
N ILE A 80 19.12 15.71 -0.96
CA ILE A 80 19.94 16.22 -2.07
C ILE A 80 21.36 15.70 -1.89
N PRO A 81 21.92 14.97 -2.85
CA PRO A 81 23.26 14.40 -2.65
C PRO A 81 24.35 15.44 -2.72
N ASP A 82 25.44 15.17 -2.02
CA ASP A 82 26.59 16.09 -1.95
C ASP A 82 27.75 15.58 -2.79
N LEU B 1 -37.86 -17.32 19.55
CA LEU B 1 -38.48 -16.83 18.32
C LEU B 1 -39.19 -15.52 18.59
N SER B 2 -38.87 -14.49 17.80
CA SER B 2 -39.44 -13.17 17.99
C SER B 2 -40.91 -13.12 17.60
N ASN B 3 -41.66 -12.22 18.23
CA ASN B 3 -43.03 -11.93 17.83
C ASN B 3 -43.12 -10.75 16.87
N GLU B 4 -41.99 -10.16 16.51
CA GLU B 4 -41.96 -9.02 15.61
C GLU B 4 -42.34 -9.43 14.19
N ASP B 5 -42.96 -8.50 13.46
CA ASP B 5 -43.12 -8.67 12.01
C ASP B 5 -41.76 -8.91 11.37
N PRO B 6 -41.57 -9.99 10.60
CA PRO B 6 -40.26 -10.24 9.97
C PRO B 6 -39.75 -9.09 9.12
N LYS B 7 -40.64 -8.34 8.47
CA LYS B 7 -40.20 -7.19 7.67
C LYS B 7 -39.56 -6.14 8.56
N ASP B 8 -40.12 -5.91 9.75
CA ASP B 8 -39.50 -4.96 10.67
C ASP B 8 -38.15 -5.46 11.17
N THR B 9 -38.05 -6.76 11.46
CA THR B 9 -36.77 -7.35 11.86
C THR B 9 -35.71 -7.10 10.80
N LEU B 10 -36.05 -7.37 9.55
CA LEU B 10 -35.07 -7.26 8.47
C LEU B 10 -34.74 -5.81 8.16
N LEU B 11 -35.72 -4.91 8.21
CA LEU B 11 -35.40 -3.49 7.98
C LEU B 11 -34.38 -3.00 8.98
N ARG B 12 -34.51 -3.41 10.25
CA ARG B 12 -33.53 -3.04 11.25
C ARG B 12 -32.19 -3.73 10.99
N GLU B 13 -32.21 -5.04 10.71
CA GLU B 13 -30.97 -5.77 10.52
C GLU B 13 -30.22 -5.30 9.28
N PHE B 14 -30.94 -4.98 8.20
CA PHE B 14 -30.25 -4.48 7.01
C PHE B 14 -29.61 -3.12 7.26
N GLN B 15 -30.28 -2.25 8.03
CA GLN B 15 -29.67 -0.96 8.35
C GLN B 15 -28.44 -1.13 9.23
N GLU B 16 -28.49 -2.08 10.17
CA GLU B 16 -27.31 -2.41 10.97
C GLU B 16 -26.18 -2.94 10.10
N GLU B 17 -26.49 -3.76 9.09
CA GLU B 17 -25.45 -4.28 8.20
CA GLU B 17 -25.44 -4.27 8.21
C GLU B 17 -24.86 -3.17 7.33
N ILE B 18 -25.71 -2.25 6.86
CA ILE B 18 -25.21 -1.11 6.09
C ILE B 18 -24.23 -0.30 6.92
N ALA B 19 -24.59 -0.01 8.18
CA ALA B 19 -23.67 0.72 9.06
C ALA B 19 -22.38 -0.06 9.28
N ARG B 20 -22.47 -1.38 9.48
CA ARG B 20 -21.26 -2.18 9.69
CA ARG B 20 -21.26 -2.18 9.69
C ARG B 20 -20.35 -2.14 8.47
N LEU B 21 -20.94 -2.27 7.28
CA LEU B 21 -20.13 -2.22 6.05
C LEU B 21 -19.47 -0.86 5.88
N LYS B 22 -20.21 0.22 6.17
CA LYS B 22 -19.59 1.55 6.09
C LYS B 22 -18.41 1.66 7.06
N ALA B 23 -18.55 1.08 8.25
CA ALA B 23 -17.45 1.09 9.21
C ALA B 23 -16.26 0.26 8.72
N GLN B 24 -16.53 -0.91 8.13
CA GLN B 24 -15.45 -1.70 7.55
C GLN B 24 -14.76 -0.95 6.42
N LEU B 25 -15.53 -0.20 5.61
CA LEU B 25 -14.94 0.59 4.53
C LEU B 25 -14.02 1.67 5.07
N GLU B 26 -14.44 2.36 6.15
CA GLU B 26 -13.57 3.34 6.78
C GLU B 26 -12.29 2.70 7.28
N LYS B 27 -12.41 1.52 7.90
CA LYS B 27 -11.23 0.82 8.42
C LYS B 27 -10.29 0.44 7.29
N LYS B 28 -10.82 -0.11 6.20
CA LYS B 28 -9.95 -0.45 5.07
C LYS B 28 -9.35 0.79 4.43
N GLY B 29 -10.08 1.91 4.43
CA GLY B 29 -9.52 3.14 3.89
C GLY B 29 -8.31 3.60 4.67
N MET B 30 -8.33 3.44 6.00
CA MET B 30 -7.17 3.81 6.80
C MET B 30 -6.01 2.87 6.57
N LEU B 31 -6.29 1.58 6.37
CA LEU B 31 -5.23 0.65 5.98
C LEU B 31 -4.60 1.07 4.65
N VAL B 32 -5.42 1.49 3.69
CA VAL B 32 -4.90 1.96 2.41
C VAL B 32 -3.97 3.14 2.62
N GLU B 33 -4.40 4.12 3.44
CA GLU B 33 -3.57 5.29 3.68
C GLU B 33 -2.26 4.92 4.34
N ASP B 34 -2.28 4.02 5.32
CA ASP B 34 -1.05 3.56 5.95
C ASP B 34 -0.13 2.91 4.93
N LEU B 35 -0.69 2.07 4.04
CA LEU B 35 0.13 1.37 3.06
C LEU B 35 0.69 2.32 2.03
N GLU B 36 -0.10 3.32 1.62
CA GLU B 36 0.42 4.35 0.71
C GLU B 36 1.61 5.05 1.33
N LYS B 37 1.53 5.34 2.64
CA LYS B 37 2.64 6.01 3.31
C LYS B 37 3.87 5.12 3.32
N GLU B 38 3.71 3.83 3.65
CA GLU B 38 4.83 2.90 3.65
CA GLU B 38 4.86 2.93 3.66
C GLU B 38 5.42 2.75 2.25
N ARG B 39 4.54 2.57 1.25
CA ARG B 39 4.97 2.45 -0.13
C ARG B 39 5.75 3.68 -0.57
N ASP B 40 5.23 4.88 -0.25
CA ASP B 40 5.92 6.13 -0.57
C ASP B 40 7.27 6.21 0.13
N PHE B 41 7.33 5.76 1.38
CA PHE B 41 8.57 5.79 2.16
C PHE B 41 9.66 4.98 1.48
N TYR B 42 9.34 3.75 1.08
CA TYR B 42 10.35 2.90 0.46
C TYR B 42 10.70 3.41 -0.94
N PHE B 43 9.71 3.87 -1.70
CA PHE B 43 10.03 4.41 -3.01
C PHE B 43 10.91 5.66 -2.88
N GLY B 44 10.64 6.49 -1.88
CA GLY B 44 11.47 7.67 -1.66
C GLY B 44 12.92 7.31 -1.37
N LYS B 45 13.15 6.23 -0.63
CA LYS B 45 14.52 5.77 -0.40
C LYS B 45 15.18 5.34 -1.72
N LEU B 46 14.46 4.56 -2.53
CA LEU B 46 15.02 4.16 -3.82
C LEU B 46 15.36 5.37 -4.67
N ARG B 47 14.50 6.39 -4.66
CA ARG B 47 14.77 7.60 -5.44
C ARG B 47 16.00 8.32 -4.90
N ASN B 48 16.13 8.40 -3.57
CA ASN B 48 17.29 9.07 -3.00
C ASN B 48 18.58 8.32 -3.29
N ILE B 49 18.50 6.98 -3.34
CA ILE B 49 19.66 6.18 -3.70
C ILE B 49 20.01 6.38 -5.17
N GLU B 50 18.98 6.47 -6.03
CA GLU B 50 19.23 6.79 -7.44
C GLU B 50 19.96 8.12 -7.58
N LEU B 51 19.55 9.13 -6.81
CA LEU B 51 20.19 10.43 -6.88
C LEU B 51 21.65 10.35 -6.44
N ILE B 52 21.96 9.53 -5.43
CA ILE B 52 23.35 9.33 -5.03
C ILE B 52 24.14 8.69 -6.16
N CYS B 53 23.57 7.66 -6.78
CA CYS B 53 24.28 7.02 -7.90
C CYS B 53 24.49 7.99 -9.04
N GLN B 54 23.50 8.84 -9.33
CA GLN B 54 23.61 9.83 -10.39
C GLN B 54 24.70 10.87 -10.08
N GLU B 55 24.75 11.34 -8.82
CA GLU B 55 25.74 12.34 -8.41
C GLU B 55 27.16 11.78 -8.47
N ASN B 56 27.34 10.48 -8.23
CA ASN B 56 28.64 9.84 -8.11
C ASN B 56 28.97 8.93 -9.30
N GLU B 57 28.49 9.31 -10.48
CA GLU B 57 28.90 8.67 -11.74
C GLU B 57 28.74 7.16 -11.68
N GLY B 58 27.55 6.73 -11.25
CA GLY B 58 27.34 5.31 -10.98
C GLY B 58 27.73 4.41 -12.14
N GLU B 59 27.56 4.88 -13.37
CA GLU B 59 27.89 4.09 -14.54
CA GLU B 59 27.91 4.06 -14.53
C GLU B 59 29.40 3.86 -14.67
N ASN B 60 30.22 4.66 -14.00
CA ASN B 60 31.67 4.49 -14.02
C ASN B 60 32.20 3.82 -12.76
N ASP B 61 31.33 3.23 -11.95
CA ASP B 61 31.70 2.64 -10.67
C ASP B 61 31.06 1.26 -10.57
N PRO B 62 31.83 0.17 -10.71
CA PRO B 62 31.22 -1.16 -10.80
C PRO B 62 30.28 -1.54 -9.65
N VAL B 63 30.55 -1.14 -8.41
CA VAL B 63 29.64 -1.46 -7.32
C VAL B 63 28.33 -0.69 -7.48
N LEU B 64 28.41 0.58 -7.84
CA LEU B 64 27.19 1.34 -8.01
C LEU B 64 26.37 0.82 -9.19
N GLN B 65 27.03 0.27 -10.20
CA GLN B 65 26.30 -0.25 -11.35
C GLN B 65 25.38 -1.39 -10.93
N ARG B 66 25.82 -2.24 -10.00
CA ARG B 66 24.98 -3.32 -9.50
C ARG B 66 23.78 -2.79 -8.71
N ILE B 67 23.97 -1.69 -8.00
CA ILE B 67 22.85 -1.04 -7.33
C ILE B 67 21.92 -0.42 -8.36
N VAL B 68 22.48 0.23 -9.38
CA VAL B 68 21.67 0.78 -10.46
C VAL B 68 20.84 -0.33 -11.11
N ASP B 69 21.43 -1.51 -11.32
CA ASP B 69 20.69 -2.62 -11.92
C ASP B 69 19.48 -3.00 -11.07
N ILE B 70 19.61 -2.93 -9.75
CA ILE B 70 18.48 -3.20 -8.88
C ILE B 70 17.44 -2.10 -9.01
N LEU B 71 17.88 -0.84 -9.04
CA LEU B 71 16.94 0.28 -9.10
C LEU B 71 16.04 0.17 -10.33
N TYR B 72 16.58 -0.27 -11.46
CA TYR B 72 15.84 -0.28 -12.70
C TYR B 72 15.29 -1.64 -13.08
N ALA B 73 15.47 -2.66 -12.23
CA ALA B 73 14.96 -3.98 -12.54
C ALA B 73 13.44 -3.98 -12.55
N THR B 74 12.85 -4.74 -13.47
CA THR B 74 11.41 -4.89 -13.55
C THR B 74 10.88 -5.96 -12.61
N ASP B 75 11.75 -6.86 -12.15
CA ASP B 75 11.50 -7.65 -10.96
C ASP B 75 12.28 -7.02 -9.82
N GLU B 76 12.44 -7.76 -8.71
CA GLU B 76 13.15 -7.21 -7.55
C GLU B 76 14.64 -7.02 -7.79
N GLY B 77 15.17 -7.53 -8.89
CA GLY B 77 16.59 -7.42 -9.15
C GLY B 77 17.44 -8.33 -8.29
N PHE B 78 16.91 -9.47 -7.89
CA PHE B 78 17.65 -10.39 -7.04
C PHE B 78 18.73 -11.09 -7.85
N VAL B 79 19.95 -11.14 -7.30
CA VAL B 79 21.04 -11.87 -7.92
C VAL B 79 21.64 -12.88 -6.92
#